data_2YB1
#
_entry.id   2YB1
#
_cell.length_a   39.958
_cell.length_b   46.765
_cell.length_c   130.785
_cell.angle_alpha   90.00
_cell.angle_beta   90.00
_cell.angle_gamma   90.00
#
_symmetry.space_group_name_H-M   'P 21 21 21'
#
loop_
_entity.id
_entity.type
_entity.pdbx_description
1 polymer AMIDOHYDROLASE
2 non-polymer 'MANGANESE (II) ION'
3 non-polymer 'ADENOSINE MONOPHOSPHATE'
4 non-polymer 'PHOSPHATE ION'
5 water water
#
_entity_poly.entity_id   1
_entity_poly.type   'polypeptide(L)'
_entity_poly.pdbx_seq_one_letter_code
;MANIDLHFHSRTSDGALTPTEVIDRAAARAPALLALTDHDCTGGLAEAAAAAARRGIPFLNGVEVSVSWGRHTVHIVGLG
IDPAEPALAAGLKSIREGRLERARQMGASLEAAGIAGCFDGAMRWCDNPEMISRTHFARHLVDSGAVKDMRTVFRKYLTP
GKPGYVSHQWASLEDAVGWIVGAGGMAVIAHPGRYDMGRTLIERLILDFQAAGGQGIEVASGSHSLDDMHKFALHADRHG
LYASSGSDFHAPGEGGRDVGHTEDLPPICRPIWRELEARILRPADAENLYFQ
;
_entity_poly.pdbx_strand_id   A
#
loop_
_chem_comp.id
_chem_comp.type
_chem_comp.name
_chem_comp.formula
AMP non-polymer 'ADENOSINE MONOPHOSPHATE' 'C10 H14 N5 O7 P'
MN non-polymer 'MANGANESE (II) ION' 'Mn 2'
PO4 non-polymer 'PHOSPHATE ION' 'O4 P -3'
#
# COMPACT_ATOMS: atom_id res chain seq x y z
N ALA A 2 -17.68 3.33 7.64
CA ALA A 2 -17.64 4.13 6.43
C ALA A 2 -17.55 3.24 5.20
N ASN A 3 -18.22 3.67 4.13
CA ASN A 3 -18.30 2.94 2.87
C ASN A 3 -17.23 3.35 1.85
N ILE A 4 -16.13 3.88 2.38
CA ILE A 4 -15.00 4.35 1.59
C ILE A 4 -13.78 3.44 1.85
N ASP A 5 -13.06 3.04 0.81
CA ASP A 5 -11.82 2.32 1.04
C ASP A 5 -10.75 2.79 0.06
N LEU A 6 -9.74 3.49 0.59
CA LEU A 6 -8.64 4.07 -0.20
C LEU A 6 -7.30 3.33 -0.16
N HIS A 7 -7.29 2.10 0.38
CA HIS A 7 -6.07 1.30 0.35
C HIS A 7 -6.34 -0.21 0.21
N PHE A 8 -5.89 -0.84 -0.87
CA PHE A 8 -5.95 -2.30 -1.01
C PHE A 8 -5.12 -2.76 -2.20
N HIS A 9 -4.97 -4.07 -2.35
CA HIS A 9 -4.03 -4.65 -3.30
C HIS A 9 -4.67 -5.68 -4.22
N SER A 10 -3.99 -5.97 -5.32
CA SER A 10 -4.46 -6.94 -6.30
C SER A 10 -3.26 -7.79 -6.70
N ARG A 11 -3.49 -8.76 -7.59
CA ARG A 11 -2.41 -9.61 -8.08
C ARG A 11 -1.35 -8.83 -8.87
N THR A 12 -1.66 -7.57 -9.20
CA THR A 12 -0.63 -6.71 -9.81
C THR A 12 0.58 -6.61 -8.88
N SER A 13 0.36 -6.51 -7.57
CA SER A 13 1.53 -6.66 -6.71
C SER A 13 1.46 -7.84 -5.74
N ASP A 14 1.00 -7.60 -4.52
CA ASP A 14 0.89 -8.66 -3.52
C ASP A 14 -0.50 -9.13 -3.06
N GLY A 15 -1.55 -8.61 -3.69
CA GLY A 15 -2.90 -9.07 -3.36
C GLY A 15 -3.18 -10.43 -4.00
N ALA A 16 -4.12 -11.17 -3.42
CA ALA A 16 -4.51 -12.48 -3.96
C ALA A 16 -5.57 -12.41 -5.07
N LEU A 17 -6.25 -11.28 -5.18
CA LEU A 17 -7.34 -11.12 -6.15
C LEU A 17 -6.93 -10.23 -7.32
N THR A 18 -7.42 -10.53 -8.51
CA THR A 18 -7.19 -9.64 -9.64
C THR A 18 -7.86 -8.29 -9.39
N PRO A 19 -7.46 -7.26 -10.16
CA PRO A 19 -8.13 -5.97 -10.01
C PRO A 19 -9.66 -6.11 -10.16
N THR A 20 -10.12 -6.90 -11.13
CA THR A 20 -11.57 -7.07 -11.29
C THR A 20 -12.17 -7.76 -10.05
N GLU A 21 -11.52 -8.81 -9.58
CA GLU A 21 -12.04 -9.58 -8.45
C GLU A 21 -12.11 -8.77 -7.16
N VAL A 22 -11.09 -7.95 -6.91
CA VAL A 22 -11.04 -7.21 -5.64
C VAL A 22 -12.06 -6.07 -5.64
N ILE A 23 -12.25 -5.44 -6.79
CA ILE A 23 -13.30 -4.42 -6.94
C ILE A 23 -14.69 -5.04 -6.77
N ASP A 24 -14.90 -6.20 -7.40
CA ASP A 24 -16.18 -6.91 -7.29
C ASP A 24 -16.48 -7.31 -5.84
N ARG A 25 -15.45 -7.71 -5.11
CA ARG A 25 -15.60 -8.10 -3.70
C ARG A 25 -15.96 -6.86 -2.88
N ALA A 26 -15.21 -5.78 -3.09
CA ALA A 26 -15.51 -4.51 -2.41
C ALA A 26 -16.95 -4.08 -2.68
N ALA A 27 -17.41 -4.31 -3.91
CA ALA A 27 -18.71 -3.83 -4.37
C ALA A 27 -19.88 -4.45 -3.59
N ALA A 28 -19.65 -5.60 -2.98
CA ALA A 28 -20.72 -6.26 -2.20
C ALA A 28 -21.09 -5.39 -1.00
N ARG A 29 -20.16 -4.53 -0.60
CA ARG A 29 -20.38 -3.62 0.55
C ARG A 29 -21.01 -2.28 0.15
N ALA A 30 -21.37 -2.13 -1.12
CA ALA A 30 -21.94 -0.87 -1.62
C ALA A 30 -21.09 0.34 -1.24
N PRO A 31 -19.81 0.32 -1.65
CA PRO A 31 -18.89 1.42 -1.33
C PRO A 31 -19.21 2.68 -2.12
N ALA A 32 -18.99 3.86 -1.54
CA ALA A 32 -19.16 5.12 -2.27
C ALA A 32 -17.91 5.57 -3.01
N LEU A 33 -16.75 5.04 -2.60
CA LEU A 33 -15.49 5.38 -3.26
C LEU A 33 -14.44 4.30 -3.00
N LEU A 34 -13.65 3.96 -4.02
CA LEU A 34 -12.56 3.00 -3.88
C LEU A 34 -11.27 3.54 -4.53
N ALA A 35 -10.11 3.12 -3.99
CA ALA A 35 -8.82 3.35 -4.68
C ALA A 35 -7.91 2.13 -4.56
N LEU A 36 -7.50 1.57 -5.70
CA LEU A 36 -6.56 0.45 -5.73
C LEU A 36 -5.15 1.01 -5.56
N THR A 37 -4.41 0.54 -4.56
CA THR A 37 -3.05 1.04 -4.39
C THR A 37 -2.08 -0.12 -4.31
N ASP A 38 -1.59 -0.54 -5.48
CA ASP A 38 -0.63 -1.64 -5.52
C ASP A 38 0.75 -1.10 -5.24
N HIS A 39 1.62 -1.96 -4.72
CA HIS A 39 3.00 -1.58 -4.42
C HIS A 39 3.78 -1.22 -5.67
N ASP A 40 4.34 -0.02 -5.70
CA ASP A 40 5.37 0.38 -6.66
C ASP A 40 4.98 0.11 -8.10
N CYS A 41 3.68 0.08 -8.35
CA CYS A 41 3.16 -0.32 -9.66
C CYS A 41 1.76 0.26 -9.88
N THR A 42 1.46 0.70 -11.10
CA THR A 42 0.09 1.09 -11.51
C THR A 42 -0.66 0.13 -12.47
N GLY A 43 -0.07 -1.04 -12.70
CA GLY A 43 -0.53 -1.93 -13.76
C GLY A 43 -1.95 -2.44 -13.64
N GLY A 44 -2.54 -2.31 -12.46
CA GLY A 44 -3.89 -2.80 -12.27
C GLY A 44 -4.98 -1.74 -12.34
N LEU A 45 -4.58 -0.47 -12.49
CA LEU A 45 -5.53 0.64 -12.40
C LEU A 45 -6.59 0.71 -13.51
N ALA A 46 -6.19 0.50 -14.77
CA ALA A 46 -7.16 0.57 -15.88
C ALA A 46 -8.25 -0.48 -15.71
N GLU A 47 -7.84 -1.70 -15.36
CA GLU A 47 -8.80 -2.77 -15.12
C GLU A 47 -9.70 -2.47 -13.91
N ALA A 48 -9.09 -2.05 -12.81
CA ALA A 48 -9.86 -1.70 -11.61
C ALA A 48 -10.87 -0.59 -11.92
N ALA A 49 -10.44 0.42 -12.65
CA ALA A 49 -11.32 1.54 -13.01
C ALA A 49 -12.53 1.07 -13.82
N ALA A 50 -12.29 0.20 -14.79
CA ALA A 50 -13.36 -0.33 -15.61
C ALA A 50 -14.33 -1.16 -14.77
N ALA A 51 -13.77 -1.96 -13.87
CA ALA A 51 -14.59 -2.81 -13.00
C ALA A 51 -15.43 -1.95 -12.03
N ALA A 52 -14.83 -0.89 -11.50
CA ALA A 52 -15.56 0.00 -10.61
C ALA A 52 -16.70 0.74 -11.34
N ALA A 53 -16.40 1.33 -12.50
CA ALA A 53 -17.40 2.06 -13.27
C ALA A 53 -18.57 1.16 -13.64
N ARG A 54 -18.26 -0.08 -14.02
CA ARG A 54 -19.32 -1.03 -14.40
C ARG A 54 -20.29 -1.29 -13.26
N ARG A 55 -19.81 -1.19 -12.01
CA ARG A 55 -20.64 -1.45 -10.82
C ARG A 55 -21.20 -0.14 -10.26
N GLY A 56 -20.94 0.96 -10.92
CA GLY A 56 -21.46 2.26 -10.52
C GLY A 56 -20.73 2.89 -9.35
N ILE A 57 -19.45 2.54 -9.18
CA ILE A 57 -18.65 2.98 -8.02
C ILE A 57 -17.57 3.99 -8.41
N PRO A 58 -17.64 5.21 -7.83
CA PRO A 58 -16.56 6.18 -8.05
C PRO A 58 -15.20 5.61 -7.65
N PHE A 59 -14.17 6.01 -8.39
CA PHE A 59 -12.86 5.37 -8.29
C PHE A 59 -11.76 6.42 -8.38
N LEU A 60 -10.70 6.21 -7.58
CA LEU A 60 -9.48 7.00 -7.67
C LEU A 60 -8.30 6.11 -8.03
N ASN A 61 -7.50 6.52 -9.02
CA ASN A 61 -6.20 5.93 -9.28
C ASN A 61 -5.28 6.02 -8.06
N GLY A 62 -4.61 4.93 -7.70
CA GLY A 62 -3.79 4.94 -6.51
C GLY A 62 -2.52 4.12 -6.69
N VAL A 63 -1.60 4.26 -5.73
CA VAL A 63 -0.39 3.47 -5.72
C VAL A 63 0.18 3.49 -4.29
N GLU A 64 0.98 2.48 -3.94
CA GLU A 64 1.69 2.50 -2.67
C GLU A 64 3.20 2.42 -2.90
N VAL A 65 3.92 3.49 -2.57
CA VAL A 65 5.34 3.61 -2.90
C VAL A 65 6.26 3.27 -1.74
N SER A 66 7.20 2.36 -2.00
CA SER A 66 8.18 1.93 -1.00
C SER A 66 9.27 2.98 -0.85
N VAL A 67 9.54 3.35 0.41
CA VAL A 67 10.48 4.42 0.74
C VAL A 67 11.45 3.96 1.84
N SER A 68 12.72 4.29 1.70
CA SER A 68 13.65 4.12 2.80
C SER A 68 13.92 5.50 3.38
N TRP A 69 13.58 5.68 4.64
CA TRP A 69 13.79 6.96 5.31
C TRP A 69 14.68 6.65 6.53
N GLY A 70 15.93 7.08 6.48
CA GLY A 70 16.89 6.62 7.47
C GLY A 70 16.94 5.10 7.51
N ARG A 71 16.85 4.52 8.70
CA ARG A 71 16.88 3.06 8.85
C ARG A 71 15.50 2.44 8.69
N HIS A 72 14.51 3.27 8.38
CA HIS A 72 13.11 2.81 8.35
C HIS A 72 12.63 2.62 6.92
N THR A 73 11.85 1.57 6.71
CA THR A 73 11.07 1.45 5.48
C THR A 73 9.68 2.00 5.77
N VAL A 74 9.27 3.02 5.00
CA VAL A 74 7.91 3.54 5.13
C VAL A 74 7.20 3.42 3.79
N HIS A 75 5.87 3.46 3.82
CA HIS A 75 5.08 3.37 2.60
C HIS A 75 4.25 4.63 2.40
N ILE A 76 4.38 5.22 1.21
CA ILE A 76 3.65 6.45 0.87
C ILE A 76 2.65 6.15 -0.24
N VAL A 77 1.37 6.27 0.08
CA VAL A 77 0.30 6.09 -0.89
C VAL A 77 0.12 7.35 -1.75
N GLY A 78 -0.03 7.20 -3.05
CA GLY A 78 -0.57 8.30 -3.85
C GLY A 78 -2.03 8.09 -4.24
N LEU A 79 -2.82 9.17 -4.26
CA LEU A 79 -4.23 9.05 -4.64
C LEU A 79 -4.60 10.16 -5.62
N GLY A 80 -5.38 9.80 -6.65
CA GLY A 80 -5.74 10.77 -7.68
C GLY A 80 -4.59 11.03 -8.65
N ILE A 81 -3.64 10.09 -8.74
CA ILE A 81 -2.50 10.21 -9.65
C ILE A 81 -2.91 9.90 -11.08
N ASP A 82 -2.21 10.51 -12.03
CA ASP A 82 -2.29 10.15 -13.45
C ASP A 82 -1.17 9.15 -13.69
N PRO A 83 -1.52 7.87 -13.86
CA PRO A 83 -0.46 6.86 -13.94
C PRO A 83 0.38 6.99 -15.22
N ALA A 84 -0.13 7.71 -16.21
CA ALA A 84 0.62 7.91 -17.45
C ALA A 84 1.68 9.02 -17.34
N GLU A 85 1.72 9.74 -16.23
CA GLU A 85 2.74 10.77 -16.07
C GLU A 85 4.15 10.14 -16.07
N PRO A 86 5.05 10.66 -16.94
CA PRO A 86 6.35 10.00 -17.19
C PRO A 86 7.29 9.91 -16.00
N ALA A 87 7.42 10.96 -15.19
CA ALA A 87 8.34 10.95 -14.06
C ALA A 87 7.92 9.91 -13.00
N LEU A 88 6.64 9.88 -12.66
CA LEU A 88 6.11 8.84 -11.79
C LEU A 88 6.37 7.44 -12.35
N ALA A 89 6.04 7.23 -13.62
CA ALA A 89 6.21 5.91 -14.23
C ALA A 89 7.66 5.45 -14.15
N ALA A 90 8.58 6.36 -14.45
CA ALA A 90 10.02 6.06 -14.41
C ALA A 90 10.49 5.81 -12.98
N GLY A 91 9.98 6.61 -12.05
CA GLY A 91 10.35 6.43 -10.65
C GLY A 91 9.88 5.10 -10.11
N LEU A 92 8.63 4.74 -10.38
CA LEU A 92 8.14 3.43 -9.93
C LEU A 92 8.96 2.30 -10.52
N LYS A 93 9.29 2.42 -11.80
CA LYS A 93 10.11 1.40 -12.45
C LYS A 93 11.47 1.25 -11.76
N SER A 94 12.06 2.38 -11.37
CA SER A 94 13.37 2.35 -10.72
C SER A 94 13.32 1.65 -9.36
N ILE A 95 12.17 1.76 -8.68
CA ILE A 95 11.94 1.05 -7.42
C ILE A 95 11.74 -0.47 -7.62
N ARG A 96 11.13 -0.86 -8.72
CA ARG A 96 10.90 -2.29 -9.00
C ARG A 96 12.17 -3.02 -9.43
N GLU A 97 13.15 -2.27 -9.95
CA GLU A 97 14.33 -2.84 -10.61
C GLU A 97 15.10 -3.91 -9.83
N GLY A 98 15.34 -3.70 -8.55
CA GLY A 98 16.12 -4.63 -7.76
C GLY A 98 15.30 -5.72 -7.09
N ARG A 99 14.00 -5.74 -7.33
CA ARG A 99 13.08 -6.61 -6.61
C ARG A 99 13.37 -8.10 -6.85
N LEU A 100 13.50 -8.50 -8.11
CA LEU A 100 13.76 -9.91 -8.44
C LEU A 100 15.09 -10.41 -7.87
N GLU A 101 16.14 -9.61 -8.06
CA GLU A 101 17.46 -9.91 -7.51
C GLU A 101 17.40 -10.12 -5.99
N ARG A 102 16.76 -9.18 -5.29
CA ARG A 102 16.59 -9.28 -3.85
C ARG A 102 15.87 -10.57 -3.46
N ALA A 103 14.87 -10.93 -4.24
CA ALA A 103 14.09 -12.15 -3.98
C ALA A 103 14.90 -13.43 -4.13
N ARG A 104 15.74 -13.51 -5.15
CA ARG A 104 16.59 -14.69 -5.30
C ARG A 104 17.52 -14.85 -4.09
N GLN A 105 18.01 -13.72 -3.61
CA GLN A 105 18.85 -13.67 -2.41
C GLN A 105 18.09 -14.07 -1.14
N MET A 106 16.84 -13.61 -1.02
CA MET A 106 15.99 -14.00 0.11
C MET A 106 15.82 -15.53 0.12
N GLY A 107 15.61 -16.11 -1.05
CA GLY A 107 15.47 -17.54 -1.17
C GLY A 107 16.73 -18.26 -0.70
N ALA A 108 17.88 -17.78 -1.17
CA ALA A 108 19.17 -18.36 -0.82
C ALA A 108 19.50 -18.20 0.66
N SER A 109 19.11 -17.06 1.23
CA SER A 109 19.21 -16.87 2.68
C SER A 109 18.38 -17.91 3.44
N LEU A 110 17.13 -18.09 3.05
CA LEU A 110 16.30 -19.10 3.69
C LEU A 110 16.89 -20.51 3.53
N GLU A 111 17.45 -20.79 2.36
CA GLU A 111 18.07 -22.10 2.13
C GLU A 111 19.24 -22.35 3.09
N ALA A 112 20.09 -21.33 3.28
CA ALA A 112 21.20 -21.44 4.23
C ALA A 112 20.71 -21.71 5.65
N ALA A 113 19.50 -21.26 5.96
CA ALA A 113 18.93 -21.41 7.29
C ALA A 113 18.13 -22.71 7.40
N GLY A 114 18.16 -23.53 6.36
CA GLY A 114 17.56 -24.84 6.44
C GLY A 114 16.21 -24.99 5.75
N ILE A 115 15.71 -23.94 5.10
CA ILE A 115 14.50 -24.12 4.30
C ILE A 115 14.79 -23.87 2.83
N ALA A 116 14.91 -24.93 2.07
CA ALA A 116 15.20 -24.83 0.64
C ALA A 116 13.93 -24.57 -0.16
N GLY A 117 14.09 -24.02 -1.36
CA GLY A 117 13.00 -23.90 -2.31
C GLY A 117 12.05 -22.73 -2.13
N CYS A 118 12.41 -21.76 -1.30
CA CYS A 118 11.49 -20.65 -1.00
C CYS A 118 11.31 -19.62 -2.13
N PHE A 119 12.37 -19.31 -2.88
CA PHE A 119 12.19 -18.45 -4.04
C PHE A 119 11.22 -19.09 -5.02
N ASP A 120 11.45 -20.36 -5.35
CA ASP A 120 10.57 -21.06 -6.29
C ASP A 120 9.14 -21.09 -5.77
N GLY A 121 8.97 -21.39 -4.48
CA GLY A 121 7.66 -21.47 -3.88
C GLY A 121 6.94 -20.14 -3.90
N ALA A 122 7.65 -19.08 -3.55
CA ALA A 122 7.09 -17.72 -3.58
C ALA A 122 6.61 -17.37 -4.99
N MET A 123 7.42 -17.74 -5.98
CA MET A 123 7.12 -17.44 -7.38
C MET A 123 5.79 -18.04 -7.83
N ARG A 124 5.39 -19.15 -7.19
CA ARG A 124 4.15 -19.83 -7.52
C ARG A 124 2.95 -18.97 -7.13
N TRP A 125 3.19 -18.05 -6.20
CA TRP A 125 2.13 -17.17 -5.70
C TRP A 125 2.12 -15.79 -6.37
N CYS A 126 3.01 -15.57 -7.31
CA CYS A 126 3.27 -14.24 -7.84
C CYS A 126 3.10 -14.23 -9.35
N ASP A 127 2.10 -13.50 -9.83
CA ASP A 127 1.79 -13.49 -11.27
C ASP A 127 2.85 -12.73 -12.05
N ASN A 128 3.33 -11.63 -11.46
CA ASN A 128 4.31 -10.78 -12.10
C ASN A 128 5.64 -10.84 -11.35
N PRO A 129 6.63 -11.56 -11.91
CA PRO A 129 7.94 -11.81 -11.28
C PRO A 129 8.64 -10.56 -10.76
N GLU A 130 8.50 -9.44 -11.49
CA GLU A 130 9.16 -8.19 -11.10
C GLU A 130 8.59 -7.61 -9.80
N MET A 131 7.37 -8.02 -9.44
CA MET A 131 6.70 -7.54 -8.22
C MET A 131 6.90 -8.46 -7.02
N ILE A 132 7.73 -9.47 -7.19
CA ILE A 132 7.94 -10.49 -6.15
C ILE A 132 8.23 -9.85 -4.77
N SER A 133 7.54 -10.34 -3.75
CA SER A 133 7.45 -9.63 -2.47
C SER A 133 7.60 -10.59 -1.29
N ARG A 134 8.02 -10.08 -0.12
CA ARG A 134 8.03 -10.86 1.11
C ARG A 134 6.66 -11.50 1.35
N THR A 135 5.60 -10.86 0.86
CA THR A 135 4.24 -11.39 1.02
C THR A 135 4.10 -12.75 0.35
N HIS A 136 4.65 -12.87 -0.85
CA HIS A 136 4.61 -14.13 -1.58
C HIS A 136 5.43 -15.22 -0.87
N PHE A 137 6.58 -14.83 -0.31
CA PHE A 137 7.40 -15.76 0.47
C PHE A 137 6.62 -16.27 1.67
N ALA A 138 5.88 -15.37 2.32
CA ALA A 138 5.09 -15.75 3.49
C ALA A 138 3.97 -16.73 3.12
N ARG A 139 3.28 -16.46 2.02
CA ARG A 139 2.21 -17.37 1.57
C ARG A 139 2.78 -18.74 1.28
N HIS A 140 3.97 -18.78 0.68
CA HIS A 140 4.63 -20.06 0.43
C HIS A 140 4.94 -20.78 1.73
N LEU A 141 5.54 -20.05 2.68
CA LEU A 141 5.94 -20.68 3.95
C LEU A 141 4.74 -21.24 4.71
N VAL A 142 3.60 -20.57 4.60
CA VAL A 142 2.38 -21.06 5.24
C VAL A 142 1.77 -22.23 4.46
N ASP A 143 1.61 -22.05 3.15
CA ASP A 143 1.01 -23.08 2.31
C ASP A 143 1.77 -24.40 2.33
N SER A 144 3.10 -24.30 2.34
CA SER A 144 3.96 -25.48 2.31
C SER A 144 4.11 -26.07 3.72
N GLY A 145 3.51 -25.43 4.70
CA GLY A 145 3.52 -25.96 6.05
C GLY A 145 4.81 -25.76 6.81
N ALA A 146 5.69 -24.88 6.32
CA ALA A 146 6.92 -24.56 7.05
C ALA A 146 6.60 -23.73 8.29
N VAL A 147 5.57 -22.90 8.20
CA VAL A 147 5.23 -21.99 9.28
C VAL A 147 3.71 -22.00 9.40
N LYS A 148 3.19 -21.90 10.62
CA LYS A 148 1.76 -22.13 10.81
C LYS A 148 0.86 -21.02 10.27
N ASP A 149 1.30 -19.77 10.33
CA ASP A 149 0.50 -18.67 9.75
C ASP A 149 1.34 -17.44 9.40
N MET A 150 0.70 -16.43 8.81
CA MET A 150 1.40 -15.24 8.31
C MET A 150 2.11 -14.50 9.43
N ARG A 151 1.43 -14.40 10.57
CA ARG A 151 1.96 -13.69 11.73
C ARG A 151 3.26 -14.33 12.22
N THR A 152 3.26 -15.65 12.33
CA THR A 152 4.42 -16.40 12.78
C THR A 152 5.59 -16.32 11.79
N VAL A 153 5.26 -16.23 10.50
CA VAL A 153 6.28 -16.10 9.47
C VAL A 153 7.19 -14.89 9.74
N PHE A 154 6.58 -13.73 9.97
CA PHE A 154 7.34 -12.50 10.11
C PHE A 154 7.98 -12.35 11.49
N ARG A 155 7.54 -13.20 12.41
CA ARG A 155 8.19 -13.31 13.71
C ARG A 155 9.53 -14.06 13.58
N LYS A 156 9.57 -15.14 12.80
CA LYS A 156 10.79 -15.94 12.65
C LYS A 156 11.68 -15.62 11.43
N TYR A 157 11.13 -14.93 10.43
CA TYR A 157 11.78 -14.81 9.12
C TYR A 157 11.40 -13.51 8.45
N LEU A 158 12.14 -13.15 7.41
CA LEU A 158 11.73 -12.08 6.51
C LEU A 158 11.64 -10.74 7.22
N THR A 159 12.34 -10.62 8.34
CA THR A 159 12.47 -9.35 9.05
C THR A 159 13.93 -9.20 9.49
N PRO A 160 14.36 -7.94 9.77
CA PRO A 160 15.77 -7.69 10.08
C PRO A 160 16.31 -8.62 11.16
N GLY A 161 17.48 -9.20 10.91
CA GLY A 161 18.10 -10.14 11.83
C GLY A 161 17.66 -11.57 11.68
N LYS A 162 16.67 -11.83 10.82
CA LYS A 162 16.15 -13.20 10.64
C LYS A 162 16.41 -13.68 9.22
N PRO A 163 16.52 -15.00 9.03
CA PRO A 163 16.75 -15.56 7.70
C PRO A 163 15.70 -15.08 6.70
N GLY A 164 16.13 -14.81 5.48
CA GLY A 164 15.21 -14.40 4.44
C GLY A 164 15.10 -12.90 4.26
N TYR A 165 15.57 -12.13 5.24
CA TYR A 165 15.56 -10.67 5.12
C TYR A 165 16.83 -10.15 4.45
N VAL A 166 16.64 -9.32 3.43
CA VAL A 166 17.76 -8.73 2.71
C VAL A 166 17.50 -7.22 2.71
N SER A 167 18.36 -6.46 3.36
CA SER A 167 18.17 -5.01 3.41
C SER A 167 18.20 -4.46 2.00
N HIS A 168 17.41 -3.43 1.74
CA HIS A 168 17.32 -2.88 0.40
C HIS A 168 16.95 -1.42 0.48
N GLN A 169 17.52 -0.60 -0.40
CA GLN A 169 17.17 0.81 -0.42
C GLN A 169 16.09 1.11 -1.46
N TRP A 170 14.95 1.61 -0.97
CA TRP A 170 13.83 1.98 -1.83
C TRP A 170 13.91 3.46 -2.21
N ALA A 171 12.80 4.05 -2.65
CA ALA A 171 12.79 5.45 -3.04
C ALA A 171 13.13 6.37 -1.87
N SER A 172 13.62 7.57 -2.16
CA SER A 172 13.70 8.58 -1.13
C SER A 172 12.30 9.11 -0.85
N LEU A 173 12.11 9.69 0.33
CA LEU A 173 10.84 10.31 0.67
C LEU A 173 10.52 11.43 -0.31
N GLU A 174 11.52 12.26 -0.61
CA GLU A 174 11.35 13.39 -1.51
C GLU A 174 10.92 12.93 -2.91
N ASP A 175 11.54 11.88 -3.40
CA ASP A 175 11.17 11.34 -4.71
C ASP A 175 9.75 10.78 -4.73
N ALA A 176 9.39 9.97 -3.73
CA ALA A 176 8.07 9.34 -3.72
C ALA A 176 6.95 10.39 -3.70
N VAL A 177 7.03 11.34 -2.79
CA VAL A 177 6.03 12.40 -2.69
C VAL A 177 5.98 13.27 -3.97
N GLY A 178 7.15 13.67 -4.47
CA GLY A 178 7.21 14.49 -5.67
C GLY A 178 6.69 13.81 -6.93
N TRP A 179 6.94 12.51 -7.06
CA TRP A 179 6.38 11.76 -8.18
C TRP A 179 4.86 11.77 -8.10
N ILE A 180 4.33 11.58 -6.90
CA ILE A 180 2.90 11.53 -6.69
C ILE A 180 2.26 12.88 -6.99
N VAL A 181 2.84 13.94 -6.42
CA VAL A 181 2.33 15.29 -6.61
C VAL A 181 2.45 15.76 -8.06
N GLY A 182 3.60 15.48 -8.68
CA GLY A 182 3.83 15.85 -10.07
C GLY A 182 2.87 15.13 -11.01
N ALA A 183 2.31 14.02 -10.55
CA ALA A 183 1.30 13.26 -11.32
C ALA A 183 -0.12 13.72 -10.99
N GLY A 184 -0.24 14.75 -10.17
CA GLY A 184 -1.54 15.37 -9.90
C GLY A 184 -2.26 14.79 -8.70
N GLY A 185 -1.60 13.92 -7.95
CA GLY A 185 -2.25 13.29 -6.82
C GLY A 185 -1.84 13.89 -5.48
N MET A 186 -2.42 13.32 -4.40
CA MET A 186 -2.02 13.66 -3.04
C MET A 186 -1.22 12.50 -2.45
N ALA A 187 -0.12 12.83 -1.75
CA ALA A 187 0.70 11.83 -1.07
C ALA A 187 0.17 11.59 0.34
N VAL A 188 0.25 10.35 0.79
CA VAL A 188 -0.35 9.92 2.06
C VAL A 188 0.61 8.97 2.79
N ILE A 189 0.93 9.26 4.05
CA ILE A 189 1.72 8.34 4.85
C ILE A 189 0.81 7.17 5.22
N ALA A 190 1.21 5.97 4.80
CA ALA A 190 0.37 4.80 4.99
C ALA A 190 0.60 4.16 6.36
N HIS A 191 -0.48 3.65 6.95
CA HIS A 191 -0.43 2.84 8.17
C HIS A 191 0.70 3.22 9.13
N PRO A 192 0.68 4.47 9.63
CA PRO A 192 1.75 4.99 10.48
C PRO A 192 1.92 4.20 11.80
N GLY A 193 0.87 3.54 12.25
CA GLY A 193 0.94 2.77 13.49
C GLY A 193 1.82 1.54 13.41
N ARG A 194 2.20 1.15 12.21
CA ARG A 194 3.06 -0.02 11.99
C ARG A 194 4.54 0.31 12.16
N TYR A 195 4.89 1.60 12.10
CA TYR A 195 6.31 1.97 12.08
C TYR A 195 6.90 1.92 13.49
N ASP A 196 8.19 1.60 13.63
CA ASP A 196 8.72 1.56 14.98
C ASP A 196 9.28 2.96 15.25
N MET A 197 8.40 3.79 15.80
CA MET A 197 8.66 5.21 15.98
C MET A 197 7.82 5.72 17.13
N GLY A 198 8.39 6.57 17.98
CA GLY A 198 7.64 7.21 19.04
C GLY A 198 7.10 8.51 18.51
N ARG A 199 6.52 9.34 19.38
CA ARG A 199 5.89 10.55 18.86
C ARG A 199 6.88 11.53 18.27
N THR A 200 8.14 11.43 18.69
CA THR A 200 9.17 12.32 18.14
C THR A 200 9.54 11.96 16.69
N LEU A 201 9.80 10.67 16.44
CA LEU A 201 10.10 10.22 15.09
C LEU A 201 8.93 10.40 14.14
N ILE A 202 7.72 10.14 14.63
CA ILE A 202 6.52 10.37 13.82
C ILE A 202 6.43 11.83 13.40
N GLU A 203 6.65 12.72 14.36
CA GLU A 203 6.64 14.15 14.07
C GLU A 203 7.70 14.53 13.03
N ARG A 204 8.90 13.97 13.19
CA ARG A 204 10.00 14.20 12.26
C ARG A 204 9.65 13.71 10.86
N LEU A 205 9.08 12.51 10.78
CA LEU A 205 8.63 11.96 9.51
C LEU A 205 7.60 12.86 8.84
N ILE A 206 6.59 13.29 9.60
CA ILE A 206 5.57 14.21 9.12
C ILE A 206 6.16 15.53 8.58
N LEU A 207 7.04 16.15 9.36
CA LEU A 207 7.69 17.39 8.93
C LEU A 207 8.47 17.22 7.61
N ASP A 208 9.26 16.14 7.52
CA ASP A 208 9.97 15.82 6.29
C ASP A 208 8.99 15.57 5.12
N PHE A 209 7.93 14.83 5.42
CA PHE A 209 6.88 14.47 4.47
C PHE A 209 6.23 15.75 3.90
N GLN A 210 5.79 16.63 4.78
CA GLN A 210 5.23 17.90 4.38
C GLN A 210 6.20 18.77 3.57
N ALA A 211 7.45 18.89 4.03
CA ALA A 211 8.47 19.64 3.30
C ALA A 211 8.59 19.16 1.86
N ALA A 212 8.38 17.86 1.65
CA ALA A 212 8.51 17.26 0.32
C ALA A 212 7.22 17.42 -0.49
N GLY A 213 6.18 17.96 0.12
CA GLY A 213 4.90 18.16 -0.52
C GLY A 213 3.76 17.24 -0.09
N GLY A 214 3.97 16.45 0.96
CA GLY A 214 2.95 15.55 1.48
C GLY A 214 1.80 16.18 2.24
N GLN A 215 0.57 15.80 1.86
CA GLN A 215 -0.65 16.31 2.48
C GLN A 215 -1.56 15.38 3.32
N GLY A 216 -1.25 14.09 3.41
CA GLY A 216 -2.20 13.18 4.02
C GLY A 216 -1.55 12.08 4.83
N ILE A 217 -2.38 11.47 5.69
CA ILE A 217 -1.93 10.39 6.54
C ILE A 217 -3.11 9.45 6.78
N GLU A 218 -2.85 8.15 6.78
CA GLU A 218 -3.90 7.19 7.08
C GLU A 218 -4.21 7.23 8.56
N VAL A 219 -5.48 7.46 8.86
CA VAL A 219 -6.00 7.45 10.22
C VAL A 219 -6.78 6.15 10.43
N ALA A 220 -7.78 5.93 9.59
CA ALA A 220 -8.49 4.64 9.62
C ALA A 220 -7.70 3.68 8.73
N SER A 221 -7.24 2.58 9.29
CA SER A 221 -6.45 1.61 8.54
C SER A 221 -6.67 0.21 9.11
N GLY A 222 -6.73 -0.78 8.22
CA GLY A 222 -6.89 -2.15 8.63
C GLY A 222 -5.79 -2.55 9.59
N SER A 223 -4.68 -1.82 9.54
CA SER A 223 -3.51 -2.07 10.39
C SER A 223 -3.53 -1.29 11.72
N HIS A 224 -4.61 -0.56 11.98
CA HIS A 224 -4.64 0.32 13.14
C HIS A 224 -5.61 -0.15 14.22
N SER A 225 -5.22 0.03 15.47
CA SER A 225 -6.17 -0.16 16.55
C SER A 225 -6.94 1.14 16.73
N LEU A 226 -7.94 1.11 17.60
CA LEU A 226 -8.70 2.33 17.86
C LEU A 226 -7.81 3.38 18.50
N ASP A 227 -6.88 2.95 19.36
CA ASP A 227 -5.91 3.87 19.95
C ASP A 227 -5.04 4.51 18.86
N ASP A 228 -4.65 3.70 17.88
CA ASP A 228 -3.89 4.22 16.74
C ASP A 228 -4.67 5.30 16.02
N MET A 229 -5.96 5.04 15.77
CA MET A 229 -6.79 6.02 15.05
C MET A 229 -6.83 7.32 15.82
N HIS A 230 -7.04 7.23 17.12
CA HIS A 230 -7.07 8.42 17.97
C HIS A 230 -5.76 9.20 17.90
N LYS A 231 -4.65 8.48 18.06
CA LYS A 231 -3.32 9.09 18.10
C LYS A 231 -2.95 9.75 16.77
N PHE A 232 -3.19 9.06 15.67
CA PHE A 232 -2.85 9.63 14.36
C PHE A 232 -3.82 10.73 13.88
N ALA A 233 -5.07 10.67 14.32
CA ALA A 233 -5.99 11.80 14.12
C ALA A 233 -5.43 13.10 14.71
N LEU A 234 -4.86 13.01 15.91
CA LEU A 234 -4.25 14.17 16.58
C LEU A 234 -2.97 14.63 15.88
N HIS A 235 -2.10 13.69 15.50
CA HIS A 235 -0.91 14.04 14.71
C HIS A 235 -1.34 14.80 13.45
N ALA A 236 -2.37 14.28 12.79
CA ALA A 236 -2.83 14.88 11.54
C ALA A 236 -3.34 16.29 11.79
N ASP A 237 -4.10 16.47 12.87
CA ASP A 237 -4.68 17.77 13.15
C ASP A 237 -3.63 18.84 13.44
N ARG A 238 -2.59 18.47 14.20
CA ARG A 238 -1.55 19.43 14.56
C ARG A 238 -0.80 19.94 13.34
N HIS A 239 -0.69 19.10 12.32
CA HIS A 239 0.03 19.48 11.11
C HIS A 239 -0.86 19.88 9.93
N GLY A 240 -2.18 19.85 10.13
CA GLY A 240 -3.09 20.19 9.05
C GLY A 240 -3.10 19.15 7.95
N LEU A 241 -2.84 17.89 8.29
CA LEU A 241 -2.90 16.80 7.30
C LEU A 241 -4.34 16.30 7.11
N TYR A 242 -4.67 15.92 5.89
CA TYR A 242 -5.95 15.29 5.57
C TYR A 242 -5.91 13.80 5.90
N ALA A 243 -7.04 13.27 6.36
CA ALA A 243 -7.08 11.89 6.84
C ALA A 243 -7.57 10.96 5.76
N SER A 244 -6.85 9.84 5.61
CA SER A 244 -7.24 8.83 4.66
C SER A 244 -7.68 7.58 5.43
N SER A 245 -8.46 6.74 4.74
CA SER A 245 -8.95 5.49 5.30
C SER A 245 -8.73 4.35 4.29
N GLY A 246 -8.17 3.24 4.73
CA GLY A 246 -8.14 2.08 3.86
C GLY A 246 -7.96 0.77 4.61
N SER A 247 -8.50 -0.31 4.05
CA SER A 247 -8.51 -1.61 4.70
C SER A 247 -7.15 -2.27 4.62
N ASP A 248 -6.38 -1.90 3.60
CA ASP A 248 -5.13 -2.59 3.30
C ASP A 248 -5.37 -4.06 3.03
N PHE A 249 -6.52 -4.36 2.43
CA PHE A 249 -6.87 -5.72 2.05
C PHE A 249 -5.88 -6.34 1.07
N HIS A 250 -5.49 -7.60 1.34
CA HIS A 250 -4.63 -8.41 0.46
C HIS A 250 -5.35 -9.66 0.02
N ALA A 251 -5.82 -10.45 0.98
CA ALA A 251 -6.49 -11.71 0.66
C ALA A 251 -7.57 -12.07 1.67
N PRO A 252 -8.55 -12.88 1.24
CA PRO A 252 -9.49 -13.46 2.20
C PRO A 252 -8.74 -14.29 3.23
N GLY A 253 -9.11 -14.19 4.49
CA GLY A 253 -8.48 -15.01 5.51
C GLY A 253 -7.05 -14.63 5.81
N GLU A 254 -6.64 -13.44 5.35
CA GLU A 254 -5.38 -12.83 5.78
C GLU A 254 -5.70 -11.55 6.52
N ASP A 258 -11.87 -6.26 5.85
CA ASP A 258 -12.24 -6.61 4.48
C ASP A 258 -12.41 -5.38 3.62
N VAL A 259 -12.22 -5.58 2.32
CA VAL A 259 -12.17 -4.49 1.37
C VAL A 259 -13.54 -3.85 1.15
N GLY A 260 -13.56 -2.53 0.98
CA GLY A 260 -14.78 -1.84 0.64
C GLY A 260 -15.42 -1.13 1.83
N HIS A 261 -14.81 -1.32 2.99
CA HIS A 261 -15.33 -0.73 4.23
C HIS A 261 -14.16 -0.31 5.12
N THR A 262 -14.33 0.79 5.84
CA THR A 262 -13.35 1.22 6.83
C THR A 262 -14.08 1.78 8.05
N GLU A 263 -13.37 1.88 9.16
CA GLU A 263 -13.90 2.51 10.37
C GLU A 263 -14.14 4.00 10.11
N ASP A 264 -15.26 4.52 10.64
CA ASP A 264 -15.56 5.94 10.57
C ASP A 264 -14.41 6.77 11.14
N LEU A 265 -13.98 7.78 10.40
CA LEU A 265 -12.96 8.72 10.89
C LEU A 265 -13.45 9.47 12.13
N PRO A 266 -12.54 9.71 13.09
CA PRO A 266 -12.87 10.58 14.22
C PRO A 266 -13.38 11.93 13.73
N PRO A 267 -14.30 12.56 14.48
CA PRO A 267 -14.85 13.85 14.02
C PRO A 267 -13.82 14.94 13.72
N ILE A 268 -12.66 14.95 14.41
CA ILE A 268 -11.62 15.99 14.18
C ILE A 268 -11.02 15.97 12.77
N CYS A 269 -11.06 14.81 12.13
CA CYS A 269 -10.38 14.62 10.85
C CYS A 269 -11.01 15.39 9.71
N ARG A 270 -10.16 15.86 8.81
CA ARG A 270 -10.57 16.41 7.53
C ARG A 270 -10.38 15.33 6.48
N PRO A 271 -11.49 14.73 6.00
CA PRO A 271 -11.35 13.54 5.14
C PRO A 271 -10.68 13.86 3.81
N ILE A 272 -9.70 13.05 3.44
CA ILE A 272 -8.94 13.33 2.22
C ILE A 272 -9.81 13.24 0.95
N TRP A 273 -10.85 12.40 0.96
CA TRP A 273 -11.68 12.24 -0.24
C TRP A 273 -12.41 13.52 -0.66
N ARG A 274 -12.72 14.37 0.30
CA ARG A 274 -13.33 15.65 -0.04
C ARG A 274 -12.39 16.52 -0.88
N GLU A 275 -11.09 16.34 -0.70
CA GLU A 275 -10.08 17.11 -1.44
C GLU A 275 -9.70 16.47 -2.79
N LEU A 276 -10.10 15.23 -2.99
CA LEU A 276 -9.77 14.50 -4.22
C LEU A 276 -10.90 14.47 -5.24
N GLU A 277 -11.98 15.19 -4.96
CA GLU A 277 -13.19 15.08 -5.80
C GLU A 277 -12.97 15.34 -7.29
N ALA A 278 -12.09 16.30 -7.60
CA ALA A 278 -11.81 16.61 -9.00
C ALA A 278 -11.04 15.47 -9.71
N ARG A 279 -10.42 14.58 -8.94
CA ARG A 279 -9.69 13.47 -9.52
C ARG A 279 -10.48 12.17 -9.55
N ILE A 280 -11.67 12.16 -8.94
CA ILE A 280 -12.51 10.95 -8.98
C ILE A 280 -12.98 10.63 -10.40
N LEU A 281 -12.82 9.37 -10.79
CA LEU A 281 -13.36 8.89 -12.06
C LEU A 281 -14.80 8.46 -11.79
N ARG A 282 -15.73 9.17 -12.41
CA ARG A 282 -17.16 8.97 -12.15
C ARG A 282 -17.71 7.87 -13.03
N PRO A 283 -18.65 7.07 -12.50
CA PRO A 283 -19.25 6.02 -13.32
C PRO A 283 -19.98 6.59 -14.55
N ALA A 284 -20.55 7.79 -14.43
CA ALA A 284 -21.22 8.43 -15.55
C ALA A 284 -20.20 9.18 -16.39
N ASP A 285 -20.07 8.79 -17.65
CA ASP A 285 -19.11 9.40 -18.55
C ASP A 285 -19.23 10.93 -18.59
N ALA A 286 -20.47 11.40 -18.71
CA ALA A 286 -20.74 12.84 -18.84
C ALA A 286 -20.26 13.64 -17.62
N GLU A 287 -20.08 12.97 -16.49
CA GLU A 287 -19.71 13.66 -15.26
C GLU A 287 -18.19 13.79 -15.07
N ASN A 288 -17.44 13.23 -16.02
CA ASN A 288 -15.98 13.30 -15.99
C ASN A 288 -15.42 14.48 -16.79
MN MN B . 1.49 -5.53 0.76
MN MN C . -0.64 -1.80 1.40
MN MN D . 2.22 -0.63 3.31
P AMP E . 8.47 -6.23 0.33
O1P AMP E . 9.43 -5.93 1.46
O2P AMP E . 8.00 -4.91 -0.26
O3P AMP E . 9.07 -7.24 -0.60
O5' AMP E . 7.26 -6.90 1.14
C5' AMP E . 6.52 -6.15 2.08
C4' AMP E . 5.11 -6.68 2.22
O4' AMP E . 5.12 -7.83 3.10
C3' AMP E . 4.12 -5.72 2.86
O3' AMP E . 3.57 -4.80 1.94
C2' AMP E . 3.07 -6.66 3.48
O2' AMP E . 2.13 -7.05 2.49
C1' AMP E . 3.92 -7.88 3.85
N9 AMP E . 4.26 -7.88 5.29
C8 AMP E . 5.31 -7.26 5.86
N7 AMP E . 5.30 -7.47 7.21
C5 AMP E . 4.23 -8.23 7.50
C6 AMP E . 3.63 -8.82 8.72
N6 AMP E . 4.18 -8.63 9.94
N1 AMP E . 2.51 -9.57 8.57
C2 AMP E . 1.93 -9.77 7.37
N3 AMP E . 2.42 -9.27 6.22
C4 AMP E . 3.54 -8.51 6.23
P PO4 F . 1.13 -3.13 3.23
O1 PO4 F . 0.66 -3.97 4.40
O2 PO4 F . 0.78 -3.83 1.96
O3 PO4 F . 0.43 -1.78 3.23
O4 PO4 F . 2.62 -2.92 3.36
#